data_8TFR
#
_entry.id   8TFR
#
_cell.length_a   92.913
_cell.length_b   92.913
_cell.length_c   123.951
_cell.angle_alpha   90.00
_cell.angle_beta   90.00
_cell.angle_gamma   120.00
#
_symmetry.space_group_name_H-M   'P 62'
#
loop_
_entity.id
_entity.type
_entity.pdbx_description
1 polymer 'Immunoglobulin G-binding protein G'
2 polymer 'Heavy chain from Fab of C10_S66K antibody'
3 polymer 'Light chain from Fab of C10_S66K antibody'
#
loop_
_entity_poly.entity_id
_entity_poly.type
_entity_poly.pdbx_seq_one_letter_code
_entity_poly.pdbx_strand_id
1 'polypeptide(L)' MTPAVTTYKLVINGKTLKGETTTKAVDAETAEKAFKQYANDNGVDGVWTYDDATKTFTVTEHHHHH C
2 'polypeptide(L)'
;QVQLQESGPGLVKPSGTLSLTCTVSGGFISSRNWWSWVRQPPGKGLEWIGEVYHTGITNYNPSLKSRVTISVDKSKNQFS
LKLSSVTAADTAVYYCAREVVGPTTGYFDLWGRGTLVTISSASTKGPSVFPLAPSSKSTSGGTAALGCLVKDYFPEPVTV
SWNSGALTSGVHTFPAVLQSSGLYSLSSVVTVPSSSLGTQTYICNVNHKPSNTKVDKKVEPKSC
;
A
3 'polypeptide(L)'
;SYELTQPPSVSVSPGQTARITCSGDTLPKRSGYWYQQKPDQAPLLVINKDTERPSGIPERFSGSKSGTTVTLTISGVQAE
DEADYYCQSADSSFTYPSFGGGTKLTVLGQPKAAPSVTLFPPSSEELQANKATLVCLISDFYPGAVTVAWKADSSPVKAG
VETTTPSKQSNNKYAASSYLSLTPEQWKSHRSYSCQVTHEGSTVEKTVAPTECS
;
B
#
# COMPACT_ATOMS: atom_id res chain seq x y z
N VAL A 5 11.34 -19.63 27.59
CA VAL A 5 10.65 -18.34 27.52
C VAL A 5 9.19 -18.48 27.96
N THR A 6 8.69 -17.44 28.63
CA THR A 6 7.32 -17.38 29.10
C THR A 6 6.72 -16.02 28.74
N THR A 7 5.40 -15.90 28.88
CA THR A 7 4.66 -14.71 28.46
C THR A 7 4.12 -13.99 29.68
N TYR A 8 4.38 -12.68 29.77
CA TYR A 8 3.92 -11.83 30.85
C TYR A 8 2.89 -10.84 30.33
N LYS A 9 2.07 -10.33 31.24
CA LYS A 9 1.01 -9.37 30.91
C LYS A 9 1.22 -8.08 31.70
N LEU A 10 0.63 -7.01 31.18
CA LEU A 10 0.62 -5.71 31.85
C LEU A 10 -0.76 -5.11 31.80
N VAL A 11 -1.15 -4.41 32.86
CA VAL A 11 -2.38 -3.63 32.90
C VAL A 11 -2.01 -2.16 33.00
N ILE A 12 -2.62 -1.34 32.16
CA ILE A 12 -2.36 0.09 32.11
C ILE A 12 -3.56 0.82 32.70
N ASN A 13 -3.31 1.64 33.72
CA ASN A 13 -4.37 2.41 34.36
C ASN A 13 -4.02 3.90 34.35
N GLY A 14 -3.58 4.39 33.20
CA GLY A 14 -3.18 5.78 33.06
C GLY A 14 -4.35 6.72 32.89
N LYS A 15 -4.03 8.01 32.75
CA LYS A 15 -5.06 9.04 32.64
C LYS A 15 -5.88 8.86 31.37
N THR A 16 -5.24 9.01 30.21
CA THR A 16 -5.92 8.84 28.93
C THR A 16 -5.75 7.46 28.33
N LEU A 17 -4.76 6.69 28.79
CA LEU A 17 -4.52 5.35 28.29
C LEU A 17 -4.94 4.34 29.36
N LYS A 18 -5.73 3.35 28.94
CA LYS A 18 -6.11 2.26 29.82
C LYS A 18 -6.27 1.01 28.97
N GLY A 19 -5.57 -0.06 29.35
CA GLY A 19 -5.64 -1.28 28.58
C GLY A 19 -4.64 -2.31 29.06
N GLU A 20 -4.36 -3.28 28.19
CA GLU A 20 -3.48 -4.39 28.54
C GLU A 20 -2.71 -4.82 27.28
N THR A 21 -1.60 -5.51 27.52
CA THR A 21 -0.76 -6.02 26.45
C THR A 21 0.10 -7.15 26.99
N THR A 22 0.83 -7.81 26.10
CA THR A 22 1.67 -8.94 26.45
C THR A 22 3.03 -8.81 25.77
N THR A 23 4.02 -9.50 26.34
CA THR A 23 5.29 -9.76 25.67
C THR A 23 5.83 -11.10 26.16
N LYS A 24 6.91 -11.54 25.52
CA LYS A 24 7.56 -12.80 25.84
C LYS A 24 8.98 -12.51 26.29
N ALA A 25 9.40 -13.14 27.39
CA ALA A 25 10.71 -12.89 27.96
C ALA A 25 11.11 -14.11 28.80
N VAL A 26 12.39 -14.16 29.16
CA VAL A 26 12.91 -15.29 29.94
C VAL A 26 12.84 -15.01 31.44
N ASP A 27 13.16 -13.79 31.88
CA ASP A 27 13.01 -13.38 33.26
C ASP A 27 12.01 -12.23 33.34
N ALA A 28 11.51 -11.98 34.56
CA ALA A 28 10.60 -10.86 34.74
C ALA A 28 11.33 -9.52 34.66
N GLU A 29 12.61 -9.49 35.01
CA GLU A 29 13.37 -8.24 34.94
C GLU A 29 13.51 -7.75 33.50
N THR A 30 13.77 -8.67 32.55
CA THR A 30 13.80 -8.28 31.14
C THR A 30 12.43 -7.83 30.67
N ALA A 31 11.37 -8.54 31.09
CA ALA A 31 10.02 -8.09 30.76
C ALA A 31 9.76 -6.70 31.31
N GLU A 32 10.13 -6.47 32.57
CA GLU A 32 9.99 -5.14 33.18
C GLU A 32 10.61 -4.07 32.29
N LYS A 33 11.79 -4.34 31.72
CA LYS A 33 12.40 -3.38 30.80
C LYS A 33 11.56 -3.21 29.53
N ALA A 34 10.97 -4.30 29.03
CA ALA A 34 10.15 -4.19 27.82
C ALA A 34 8.89 -3.35 28.08
N PHE A 35 8.16 -3.66 29.15
CA PHE A 35 6.97 -2.88 29.46
C PHE A 35 7.31 -1.42 29.78
N LYS A 36 8.48 -1.18 30.39
CA LYS A 36 8.89 0.20 30.67
C LYS A 36 9.07 0.99 29.38
N GLN A 37 9.62 0.36 28.34
CA GLN A 37 9.73 1.03 27.04
C GLN A 37 8.37 1.33 26.45
N TYR A 38 7.43 0.38 26.53
CA TYR A 38 6.09 0.61 26.01
C TYR A 38 5.43 1.78 26.73
N ALA A 39 5.45 1.77 28.07
CA ALA A 39 4.77 2.81 28.82
C ALA A 39 5.35 4.18 28.51
N ASN A 40 6.68 4.28 28.47
CA ASN A 40 7.31 5.54 28.10
C ASN A 40 6.97 5.94 26.68
N ASP A 41 6.99 4.99 25.75
CA ASP A 41 6.68 5.28 24.35
C ASP A 41 5.27 5.83 24.17
N ASN A 42 4.38 5.57 25.13
CA ASN A 42 3.01 6.10 25.09
C ASN A 42 2.77 7.19 26.13
N GLY A 43 3.82 7.66 26.80
CA GLY A 43 3.73 8.78 27.70
C GLY A 43 3.29 8.47 29.12
N VAL A 44 2.98 7.21 29.43
CA VAL A 44 2.47 6.85 30.75
C VAL A 44 3.62 6.86 31.76
N ASP A 45 3.38 7.50 32.91
CA ASP A 45 4.34 7.54 34.00
C ASP A 45 3.58 7.32 35.29
N GLY A 46 3.82 6.20 35.96
CA GLY A 46 3.08 5.89 37.16
C GLY A 46 3.85 4.96 38.08
N VAL A 47 3.10 4.27 38.94
CA VAL A 47 3.65 3.39 39.97
C VAL A 47 3.47 1.95 39.53
N TRP A 48 4.53 1.16 39.63
CA TRP A 48 4.55 -0.21 39.15
C TRP A 48 4.32 -1.18 40.30
N THR A 49 3.48 -2.19 40.04
CA THR A 49 3.28 -3.31 40.96
C THR A 49 3.30 -4.61 40.17
N TYR A 50 3.62 -5.70 40.86
CA TYR A 50 3.87 -6.98 40.21
C TYR A 50 3.19 -8.11 40.99
N ASP A 51 2.60 -9.05 40.25
CA ASP A 51 2.05 -10.28 40.80
C ASP A 51 2.68 -11.45 40.05
N ASP A 52 3.40 -12.32 40.76
CA ASP A 52 4.13 -13.40 40.12
C ASP A 52 3.26 -14.62 39.80
N ALA A 53 2.20 -14.85 40.59
CA ALA A 53 1.34 -16.00 40.33
C ALA A 53 0.63 -15.86 38.99
N THR A 54 0.17 -14.66 38.66
CA THR A 54 -0.44 -14.37 37.38
C THR A 54 0.57 -13.84 36.36
N LYS A 55 1.82 -13.62 36.76
CA LYS A 55 2.88 -13.10 35.88
C LYS A 55 2.44 -11.80 35.20
N THR A 56 1.82 -10.92 35.98
CA THR A 56 1.20 -9.72 35.46
C THR A 56 1.79 -8.48 36.10
N PHE A 57 2.22 -7.54 35.27
CA PHE A 57 2.58 -6.19 35.72
C PHE A 57 1.37 -5.29 35.65
N THR A 58 1.44 -4.18 36.39
CA THR A 58 0.39 -3.16 36.29
C THR A 58 0.95 -1.83 36.78
N VAL A 59 0.81 -0.80 35.96
CA VAL A 59 1.24 0.55 36.31
C VAL A 59 0.00 1.43 36.40
N THR A 60 0.01 2.34 37.36
CA THR A 60 -1.14 3.20 37.63
C THR A 60 -0.77 4.68 37.54
N GLN B 1 -10.49 -23.30 -17.40
CA GLN B 1 -9.69 -24.41 -17.91
C GLN B 1 -8.26 -24.35 -17.36
N VAL B 2 -7.40 -23.59 -18.03
CA VAL B 2 -6.00 -23.48 -17.60
C VAL B 2 -5.90 -22.39 -16.55
N GLN B 3 -5.42 -22.75 -15.37
CA GLN B 3 -5.34 -21.82 -14.25
C GLN B 3 -3.92 -21.81 -13.69
N LEU B 4 -3.56 -20.68 -13.09
CA LEU B 4 -2.28 -20.51 -12.43
C LEU B 4 -2.51 -20.14 -10.97
N GLN B 5 -1.80 -20.81 -10.06
CA GLN B 5 -1.90 -20.50 -8.63
C GLN B 5 -0.52 -20.32 -8.02
N GLU B 6 -0.33 -19.20 -7.32
CA GLU B 6 0.88 -18.94 -6.55
C GLU B 6 0.81 -19.62 -5.20
N SER B 7 1.98 -19.86 -4.63
CA SER B 7 2.08 -20.31 -3.24
C SER B 7 3.49 -20.01 -2.75
N GLY B 8 3.66 -20.04 -1.44
CA GLY B 8 4.93 -19.73 -0.83
C GLY B 8 4.80 -18.78 0.34
N PRO B 9 5.88 -18.63 1.10
CA PRO B 9 5.83 -17.77 2.29
C PRO B 9 5.56 -16.31 1.91
N GLY B 10 4.71 -15.67 2.71
CA GLY B 10 4.32 -14.30 2.48
C GLY B 10 5.10 -13.31 3.31
N LEU B 11 6.27 -13.75 3.80
CA LEU B 11 7.11 -12.92 4.66
C LEU B 11 8.54 -13.45 4.59
N VAL B 12 9.49 -12.55 4.37
CA VAL B 12 10.90 -12.90 4.31
C VAL B 12 11.69 -11.80 5.00
N LYS B 13 12.58 -12.17 5.93
CA LYS B 13 13.38 -11.16 6.59
C LYS B 13 14.45 -10.63 5.64
N PRO B 14 14.86 -9.37 5.80
CA PRO B 14 15.81 -8.78 4.86
C PRO B 14 17.11 -9.56 4.81
N SER B 15 17.72 -9.59 3.63
CA SER B 15 18.87 -10.40 3.24
C SER B 15 18.51 -11.88 3.16
N GLY B 16 17.25 -12.25 3.35
CA GLY B 16 16.80 -13.62 3.15
C GLY B 16 16.50 -13.91 1.69
N THR B 17 15.89 -15.07 1.46
CA THR B 17 15.62 -15.56 0.12
C THR B 17 14.13 -15.76 -0.06
N LEU B 18 13.55 -15.03 -1.02
CA LEU B 18 12.15 -15.17 -1.39
C LEU B 18 11.98 -16.39 -2.27
N SER B 19 11.02 -17.24 -1.93
CA SER B 19 10.79 -18.48 -2.68
C SER B 19 9.32 -18.65 -2.95
N LEU B 20 8.94 -18.63 -4.23
CA LEU B 20 7.55 -18.77 -4.64
C LEU B 20 7.42 -19.87 -5.67
N THR B 21 6.23 -20.46 -5.73
CA THR B 21 5.97 -21.55 -6.66
C THR B 21 4.60 -21.37 -7.27
N CYS B 22 4.54 -21.43 -8.60
CA CYS B 22 3.29 -21.31 -9.35
C CYS B 22 2.90 -22.68 -9.91
N THR B 23 1.71 -23.16 -9.54
CA THR B 23 1.24 -24.49 -9.92
C THR B 23 0.25 -24.39 -11.09
N VAL B 24 0.40 -25.29 -12.05
CA VAL B 24 -0.37 -25.24 -13.30
C VAL B 24 -1.41 -26.35 -13.28
N SER B 25 -2.67 -25.98 -13.44
CA SER B 25 -3.78 -26.93 -13.49
C SER B 25 -4.50 -26.81 -14.83
N GLY B 26 -4.99 -27.94 -15.33
CA GLY B 26 -5.68 -27.99 -16.62
C GLY B 26 -4.80 -27.74 -17.83
N GLY B 27 -3.60 -28.29 -17.85
CA GLY B 27 -2.63 -28.05 -18.89
C GLY B 27 -1.25 -28.42 -18.42
N PHE B 28 -0.36 -28.62 -19.39
CA PHE B 28 0.97 -29.13 -19.10
C PHE B 28 2.03 -28.05 -19.32
N ILE B 29 3.09 -28.10 -18.50
CA ILE B 29 4.19 -27.14 -18.63
C ILE B 29 4.85 -27.28 -20.00
N SER B 30 4.68 -28.43 -20.65
CA SER B 30 5.37 -28.78 -21.90
C SER B 30 4.88 -27.97 -23.11
N SER B 31 3.92 -27.06 -22.90
CA SER B 31 3.51 -26.16 -23.95
C SER B 31 4.66 -25.24 -24.39
N ARG B 32 4.38 -24.54 -25.50
CA ARG B 32 5.38 -23.59 -26.04
C ARG B 32 5.05 -22.19 -25.53
N ASN B 33 4.74 -22.07 -24.24
CA ASN B 33 4.57 -20.79 -23.61
C ASN B 33 5.75 -20.60 -22.68
N TRP B 34 6.07 -19.35 -22.40
CA TRP B 34 7.13 -19.03 -21.46
C TRP B 34 6.46 -18.71 -20.14
N TRP B 35 6.94 -19.36 -19.10
CA TRP B 35 6.38 -19.16 -17.77
C TRP B 35 7.17 -18.05 -17.09
N SER B 36 6.50 -16.95 -16.81
CA SER B 36 7.18 -15.76 -16.33
C SER B 36 6.70 -15.39 -14.94
N TRP B 37 7.37 -14.39 -14.37
CA TRP B 37 7.00 -13.80 -13.09
C TRP B 37 6.99 -12.29 -13.25
N VAL B 38 5.95 -11.63 -12.71
CA VAL B 38 5.83 -10.19 -12.72
C VAL B 38 5.45 -9.76 -11.30
N ARG B 39 5.84 -8.54 -10.93
CA ARG B 39 5.56 -8.03 -9.59
C ARG B 39 5.01 -6.62 -9.66
N GLN B 40 4.19 -6.28 -8.67
CA GLN B 40 3.60 -4.95 -8.54
C GLN B 40 3.79 -4.48 -7.10
N PRO B 41 4.78 -3.62 -6.84
CA PRO B 41 4.87 -2.97 -5.53
C PRO B 41 3.62 -2.18 -5.24
N PRO B 42 3.12 -2.23 -4.00
CA PRO B 42 1.85 -1.56 -3.67
C PRO B 42 1.79 -0.11 -4.12
N GLY B 43 0.86 0.19 -5.02
CA GLY B 43 0.69 1.53 -5.54
C GLY B 43 1.53 1.86 -6.76
N LYS B 44 2.36 0.95 -7.22
CA LYS B 44 3.23 1.16 -8.37
C LYS B 44 2.75 0.33 -9.55
N GLY B 45 3.48 0.44 -10.66
CA GLY B 45 3.15 -0.27 -11.88
C GLY B 45 3.67 -1.71 -11.88
N LEU B 46 3.66 -2.29 -13.07
CA LEU B 46 4.11 -3.67 -13.25
C LEU B 46 5.59 -3.73 -13.61
N GLU B 47 6.24 -4.79 -13.16
CA GLU B 47 7.68 -4.98 -13.37
C GLU B 47 7.93 -6.44 -13.73
N TRP B 48 8.40 -6.68 -14.95
CA TRP B 48 8.76 -8.03 -15.38
C TRP B 48 10.03 -8.48 -14.66
N ILE B 49 10.07 -9.76 -14.30
CA ILE B 49 11.20 -10.34 -13.57
C ILE B 49 12.01 -11.29 -14.44
N GLY B 50 11.34 -12.23 -15.11
CA GLY B 50 12.03 -13.20 -15.93
C GLY B 50 11.09 -14.31 -16.37
N GLU B 51 11.57 -15.09 -17.35
CA GLU B 51 10.77 -16.13 -17.98
C GLU B 51 11.57 -17.43 -18.06
N VAL B 52 10.85 -18.54 -18.22
CA VAL B 52 11.46 -19.86 -18.36
C VAL B 52 10.65 -20.71 -19.34
N TYR B 53 11.35 -21.47 -20.16
CA TYR B 53 10.75 -22.47 -21.04
C TYR B 53 10.82 -23.84 -20.38
N HIS B 54 10.04 -24.77 -20.93
CA HIS B 54 9.95 -26.09 -20.31
C HIS B 54 11.24 -26.89 -20.40
N THR B 55 12.19 -26.47 -21.24
CA THR B 55 13.48 -27.14 -21.29
C THR B 55 14.44 -26.69 -20.20
N GLY B 56 14.14 -25.60 -19.50
CA GLY B 56 15.05 -25.00 -18.56
C GLY B 56 15.69 -23.72 -19.04
N ILE B 57 15.49 -23.32 -20.30
CA ILE B 57 16.00 -22.06 -20.80
C ILE B 57 15.48 -20.92 -19.93
N THR B 58 16.32 -19.92 -19.69
CA THR B 58 15.97 -18.82 -18.82
C THR B 58 16.27 -17.49 -19.50
N ASN B 59 15.59 -16.44 -19.03
CA ASN B 59 15.85 -15.08 -19.50
C ASN B 59 15.41 -14.13 -18.39
N TYR B 60 16.35 -13.36 -17.86
CA TYR B 60 16.11 -12.58 -16.65
C TYR B 60 16.19 -11.08 -16.92
N ASN B 61 15.46 -10.33 -16.10
CA ASN B 61 15.57 -8.88 -16.11
C ASN B 61 17.00 -8.48 -15.75
N PRO B 62 17.68 -7.70 -16.59
CA PRO B 62 19.10 -7.38 -16.33
C PRO B 62 19.36 -6.68 -15.00
N SER B 63 18.46 -5.79 -14.57
CA SER B 63 18.67 -5.10 -13.30
C SER B 63 18.53 -6.02 -12.09
N LEU B 64 17.99 -7.22 -12.26
CA LEU B 64 17.87 -8.19 -11.19
C LEU B 64 18.60 -9.49 -11.52
N LYS B 65 19.35 -9.53 -12.62
CA LYS B 65 19.85 -10.78 -13.18
C LYS B 65 20.71 -11.56 -12.18
N SER B 66 21.46 -10.87 -11.32
CA SER B 66 22.41 -11.54 -10.45
C SER B 66 21.73 -12.42 -9.41
N ARG B 67 20.59 -11.99 -8.87
CA ARG B 67 19.98 -12.63 -7.71
C ARG B 67 18.63 -13.29 -8.02
N VAL B 68 18.38 -13.65 -9.27
CA VAL B 68 17.14 -14.34 -9.61
C VAL B 68 17.48 -15.75 -10.08
N THR B 69 16.52 -16.66 -9.91
CA THR B 69 16.66 -18.04 -10.38
C THR B 69 15.27 -18.59 -10.63
N ILE B 70 14.94 -18.85 -11.89
CA ILE B 70 13.65 -19.44 -12.26
C ILE B 70 13.92 -20.86 -12.75
N SER B 71 13.33 -21.83 -12.06
CA SER B 71 13.46 -23.24 -12.43
C SER B 71 12.09 -23.81 -12.75
N VAL B 72 12.07 -24.79 -13.65
CA VAL B 72 10.85 -25.50 -13.97
C VAL B 72 10.91 -26.88 -13.35
N ASP B 73 9.74 -27.53 -13.30
CA ASP B 73 9.64 -28.84 -12.68
C ASP B 73 8.41 -29.52 -13.24
N LYS B 74 8.63 -30.51 -14.13
CA LYS B 74 7.52 -31.20 -14.77
C LYS B 74 6.96 -32.36 -13.95
N SER B 75 7.70 -32.83 -12.94
CA SER B 75 7.22 -33.93 -12.10
C SER B 75 5.99 -33.50 -11.30
N LYS B 76 5.98 -32.27 -10.79
CA LYS B 76 4.80 -31.72 -10.14
C LYS B 76 4.19 -30.56 -10.94
N ASN B 77 4.63 -30.36 -12.17
CA ASN B 77 3.99 -29.46 -13.13
C ASN B 77 3.95 -28.01 -12.65
N GLN B 78 4.97 -27.58 -11.91
CA GLN B 78 5.04 -26.19 -11.48
C GLN B 78 6.39 -25.60 -11.86
N PHE B 79 6.51 -24.29 -11.67
CA PHE B 79 7.75 -23.56 -11.92
C PHE B 79 7.92 -22.54 -10.80
N SER B 80 9.16 -22.37 -10.35
CA SER B 80 9.46 -21.67 -9.12
C SER B 80 10.20 -20.35 -9.37
N LEU B 81 10.17 -19.48 -8.36
CA LEU B 81 10.96 -18.26 -8.33
C LEU B 81 11.78 -18.24 -7.04
N LYS B 82 13.04 -17.85 -7.16
CA LYS B 82 13.92 -17.69 -6.00
C LYS B 82 14.68 -16.38 -6.12
N LEU B 83 14.37 -15.43 -5.25
CA LEU B 83 14.99 -14.12 -5.22
C LEU B 83 15.77 -13.97 -3.91
N SER B 84 17.09 -13.83 -4.02
CA SER B 84 17.97 -13.79 -2.86
C SER B 84 18.37 -12.35 -2.54
N SER B 85 18.97 -12.18 -1.35
CA SER B 85 19.48 -10.89 -0.87
C SER B 85 18.39 -9.81 -0.85
N VAL B 86 17.19 -10.20 -0.41
CA VAL B 86 16.02 -9.35 -0.57
C VAL B 86 16.15 -8.08 0.26
N THR B 87 15.78 -6.96 -0.33
CA THR B 87 15.72 -5.68 0.34
C THR B 87 14.26 -5.30 0.60
N ALA B 88 14.03 -4.07 1.03
CA ALA B 88 12.66 -3.58 1.20
C ALA B 88 11.98 -3.28 -0.15
N ALA B 89 12.75 -3.02 -1.21
CA ALA B 89 12.15 -2.76 -2.51
C ALA B 89 11.41 -3.97 -3.07
N ASP B 90 11.68 -5.15 -2.54
CA ASP B 90 11.10 -6.39 -3.03
C ASP B 90 9.75 -6.69 -2.40
N THR B 91 9.26 -5.82 -1.52
CA THR B 91 7.90 -5.95 -1.00
C THR B 91 6.92 -5.63 -2.13
N ALA B 92 6.24 -6.64 -2.64
CA ALA B 92 5.41 -6.47 -3.83
C ALA B 92 4.44 -7.63 -3.93
N VAL B 93 3.41 -7.43 -4.74
CA VAL B 93 2.49 -8.50 -5.10
C VAL B 93 3.06 -9.23 -6.30
N TYR B 94 3.21 -10.55 -6.17
CA TYR B 94 3.93 -11.36 -7.14
C TYR B 94 2.93 -12.22 -7.92
N TYR B 95 2.93 -12.05 -9.25
CA TYR B 95 2.04 -12.76 -10.16
C TYR B 95 2.86 -13.67 -11.06
N CYS B 96 2.55 -14.97 -11.06
CA CYS B 96 3.09 -15.80 -12.13
C CYS B 96 2.18 -15.64 -13.34
N ALA B 97 2.76 -15.76 -14.52
CA ALA B 97 1.99 -15.47 -15.72
C ALA B 97 2.47 -16.36 -16.85
N ARG B 98 1.54 -16.63 -17.77
CA ARG B 98 1.81 -17.39 -18.98
C ARG B 98 2.09 -16.42 -20.12
N GLU B 99 3.14 -16.71 -20.90
CA GLU B 99 3.63 -15.78 -21.91
C GLU B 99 3.61 -16.44 -23.28
N VAL B 100 2.84 -15.87 -24.20
CA VAL B 100 2.82 -16.31 -25.59
C VAL B 100 3.90 -15.52 -26.33
N VAL B 101 4.84 -16.25 -26.93
CA VAL B 101 6.02 -15.64 -27.53
C VAL B 101 6.08 -16.04 -29.00
N GLY B 102 6.14 -15.04 -29.87
CA GLY B 102 6.38 -15.25 -31.29
C GLY B 102 7.84 -15.03 -31.59
N PRO B 103 8.17 -14.89 -32.89
CA PRO B 103 9.55 -14.56 -33.28
C PRO B 103 10.01 -13.13 -32.92
N THR B 104 9.09 -12.20 -32.68
CA THR B 104 9.37 -10.79 -32.52
C THR B 104 8.57 -10.18 -31.38
N THR B 105 7.65 -10.94 -30.78
CA THR B 105 6.71 -10.37 -29.82
C THR B 105 6.49 -11.32 -28.65
N GLY B 106 6.06 -10.72 -27.53
CA GLY B 106 5.78 -11.45 -26.31
C GLY B 106 4.79 -10.74 -25.41
N TYR B 107 3.78 -11.47 -24.90
CA TYR B 107 2.72 -10.86 -24.11
C TYR B 107 2.12 -11.91 -23.18
N PHE B 108 1.41 -11.42 -22.16
CA PHE B 108 0.86 -12.25 -21.09
C PHE B 108 -0.66 -12.34 -21.24
N ASP B 109 -1.17 -13.56 -21.38
CA ASP B 109 -2.61 -13.78 -21.50
C ASP B 109 -3.24 -14.33 -20.22
N LEU B 110 -2.59 -15.28 -19.56
CA LEU B 110 -3.11 -15.92 -18.36
C LEU B 110 -2.33 -15.46 -17.14
N TRP B 111 -3.05 -15.03 -16.09
CA TRP B 111 -2.45 -14.60 -14.85
C TRP B 111 -2.94 -15.45 -13.69
N GLY B 112 -2.10 -15.57 -12.66
CA GLY B 112 -2.54 -16.15 -11.42
C GLY B 112 -3.20 -15.10 -10.54
N ARG B 113 -3.68 -15.57 -9.38
CA ARG B 113 -4.35 -14.69 -8.45
C ARG B 113 -3.42 -13.60 -7.94
N GLY B 114 -2.17 -13.96 -7.65
CA GLY B 114 -1.20 -13.02 -7.08
C GLY B 114 -1.09 -13.15 -5.57
N THR B 115 0.13 -13.16 -5.04
CA THR B 115 0.35 -13.25 -3.61
C THR B 115 1.26 -12.12 -3.15
N LEU B 116 0.99 -11.60 -1.96
CA LEU B 116 1.77 -10.52 -1.39
C LEU B 116 2.84 -11.07 -0.47
N VAL B 117 4.07 -10.63 -0.65
CA VAL B 117 5.15 -10.89 0.28
C VAL B 117 5.60 -9.55 0.84
N THR B 118 5.88 -9.55 2.15
CA THR B 118 6.32 -8.35 2.86
C THR B 118 7.69 -8.63 3.45
N ILE B 119 8.67 -7.83 3.04
CA ILE B 119 10.07 -8.04 3.53
C ILE B 119 10.27 -7.19 4.79
N SER B 120 10.18 -7.81 5.98
CA SER B 120 10.29 -7.04 7.25
C SER B 120 11.03 -7.84 8.33
N SER B 121 11.97 -7.19 9.01
CA SER B 121 12.64 -7.84 10.17
C SER B 121 11.94 -7.32 11.41
N ALA B 122 10.83 -7.93 11.81
CA ALA B 122 10.08 -7.33 12.92
C ALA B 122 9.47 -8.39 13.83
N SER B 123 9.00 -7.96 15.00
CA SER B 123 8.45 -8.91 15.98
C SER B 123 7.09 -8.43 16.46
N THR B 124 6.15 -9.36 16.63
CA THR B 124 4.82 -8.99 17.17
C THR B 124 5.00 -7.88 18.19
N LYS B 125 4.36 -6.72 17.99
CA LYS B 125 4.59 -5.57 18.91
C LYS B 125 3.29 -4.80 19.17
N GLY B 126 2.93 -4.61 20.43
CA GLY B 126 1.78 -3.80 20.74
C GLY B 126 1.89 -2.43 20.10
N PRO B 127 0.82 -1.99 19.45
CA PRO B 127 0.86 -0.67 18.79
C PRO B 127 0.82 0.45 19.80
N SER B 128 1.72 1.42 19.62
CA SER B 128 1.66 2.66 20.40
C SER B 128 0.61 3.58 19.79
N VAL B 129 -0.19 4.21 20.67
CA VAL B 129 -1.32 5.03 20.25
C VAL B 129 -1.13 6.46 20.75
N PHE B 130 -1.32 7.42 19.86
CA PHE B 130 -1.18 8.84 20.18
C PHE B 130 -2.44 9.59 19.77
N PRO B 131 -2.86 10.59 20.56
CA PRO B 131 -4.08 11.32 20.22
C PRO B 131 -3.82 12.50 19.30
N LEU B 132 -4.58 12.59 18.22
CA LEU B 132 -4.53 13.75 17.32
C LEU B 132 -5.61 14.72 17.79
N ALA B 133 -5.20 15.76 18.50
CA ALA B 133 -6.14 16.68 19.12
C ALA B 133 -6.68 17.67 18.09
N PRO B 134 -8.02 17.76 17.90
CA PRO B 134 -8.65 18.64 16.92
C PRO B 134 -8.38 20.12 17.16
N ALA B 145 -12.85 17.74 12.96
CA ALA B 145 -12.11 16.52 12.64
C ALA B 145 -11.09 16.15 13.71
N LEU B 146 -11.09 14.88 14.12
CA LEU B 146 -10.19 14.39 15.14
C LEU B 146 -10.05 12.88 14.99
N GLY B 147 -9.01 12.34 15.62
CA GLY B 147 -8.77 10.90 15.51
C GLY B 147 -7.56 10.48 16.30
N CYS B 148 -7.18 9.21 16.11
CA CYS B 148 -6.09 8.57 16.82
C CYS B 148 -5.02 8.14 15.83
N LEU B 149 -3.77 8.04 16.31
CA LEU B 149 -2.65 7.60 15.49
C LEU B 149 -2.09 6.30 16.06
N VAL B 150 -2.12 5.25 15.26
CA VAL B 150 -1.56 3.94 15.62
C VAL B 150 -0.22 3.82 14.92
N LYS B 151 0.86 3.70 15.69
CA LYS B 151 2.19 3.98 15.16
C LYS B 151 3.04 2.74 14.90
N ASP B 152 3.25 1.85 15.87
CA ASP B 152 4.27 0.81 15.70
C ASP B 152 3.75 -0.55 16.17
N TYR B 153 3.24 -1.32 15.21
CA TYR B 153 2.82 -2.71 15.43
C TYR B 153 3.20 -3.52 14.21
N PHE B 154 3.81 -4.69 14.40
CA PHE B 154 4.14 -5.43 13.19
C PHE B 154 3.01 -6.31 12.63
N PRO B 155 2.39 -7.19 13.42
CA PRO B 155 1.36 -8.07 12.84
C PRO B 155 0.21 -7.25 12.28
N GLU B 156 -0.27 -7.65 11.08
CA GLU B 156 -1.02 -6.75 10.25
C GLU B 156 -2.40 -6.37 10.82
N PRO B 157 -3.31 -7.34 11.09
CA PRO B 157 -4.69 -6.93 11.43
C PRO B 157 -4.81 -6.12 12.72
N VAL B 158 -5.18 -4.85 12.59
CA VAL B 158 -5.52 -4.00 13.72
C VAL B 158 -6.91 -3.42 13.48
N THR B 159 -7.69 -3.32 14.54
CA THR B 159 -9.08 -2.89 14.45
C THR B 159 -9.30 -1.64 15.28
N VAL B 160 -10.03 -0.67 14.72
CA VAL B 160 -10.28 0.60 15.37
C VAL B 160 -11.78 0.83 15.44
N SER B 161 -12.28 1.10 16.64
CA SER B 161 -13.66 1.53 16.85
C SER B 161 -13.65 2.82 17.67
N TRP B 162 -14.75 3.55 17.61
CA TRP B 162 -14.83 4.88 18.22
C TRP B 162 -16.00 4.89 19.20
N ASN B 163 -15.68 5.11 20.49
CA ASN B 163 -16.68 5.13 21.56
C ASN B 163 -17.51 3.84 21.54
N SER B 164 -16.80 2.73 21.65
CA SER B 164 -17.37 1.39 21.49
C SER B 164 -17.93 1.29 20.06
N GLY B 165 -18.91 0.42 19.84
CA GLY B 165 -19.54 0.32 18.54
C GLY B 165 -20.70 1.29 18.38
N ALA B 166 -20.57 2.48 18.95
CA ALA B 166 -21.63 3.48 18.95
C ALA B 166 -21.48 4.49 17.80
N LEU B 167 -20.36 5.20 17.75
CA LEU B 167 -20.17 6.26 16.77
C LEU B 167 -19.72 5.64 15.45
N THR B 168 -20.62 5.60 14.47
CA THR B 168 -20.29 5.08 13.15
C THR B 168 -20.62 6.05 12.03
N SER B 169 -21.08 7.26 12.34
CA SER B 169 -21.40 8.26 11.34
C SER B 169 -20.16 9.10 11.06
N GLY B 170 -19.70 9.09 9.81
CA GLY B 170 -18.51 9.84 9.43
C GLY B 170 -17.21 9.34 10.01
N VAL B 171 -17.03 8.02 10.05
CA VAL B 171 -15.80 7.41 10.56
C VAL B 171 -15.01 6.88 9.36
N HIS B 172 -13.73 7.23 9.30
CA HIS B 172 -12.84 6.69 8.28
C HIS B 172 -11.55 6.22 8.92
N THR B 173 -11.23 4.94 8.71
CA THR B 173 -9.95 4.39 9.10
C THR B 173 -9.12 4.21 7.84
N PHE B 174 -7.98 4.89 7.79
CA PHE B 174 -7.14 4.85 6.60
C PHE B 174 -6.41 3.51 6.50
N PRO B 175 -5.99 3.13 5.30
CA PRO B 175 -5.22 1.89 5.16
C PRO B 175 -3.87 1.98 5.87
N ALA B 176 -3.37 0.83 6.29
CA ALA B 176 -2.06 0.80 6.94
C ALA B 176 -0.96 1.14 5.91
N VAL B 177 0.19 1.55 6.44
CA VAL B 177 1.36 1.84 5.62
C VAL B 177 2.57 1.18 6.28
N LEU B 178 3.49 0.67 5.44
CA LEU B 178 4.70 0.01 5.89
C LEU B 178 5.87 1.00 5.81
N GLN B 179 6.43 1.35 6.96
CA GLN B 179 7.48 2.36 7.00
C GLN B 179 8.84 1.70 6.76
N SER B 180 9.90 2.50 6.91
CA SER B 180 11.25 1.98 6.72
C SER B 180 11.59 0.92 7.75
N SER B 181 11.20 1.15 9.00
CA SER B 181 11.57 0.26 10.10
C SER B 181 10.92 -1.11 10.01
N GLY B 182 9.94 -1.29 9.13
CA GLY B 182 9.22 -2.53 9.03
C GLY B 182 7.96 -2.60 9.87
N LEU B 183 7.63 -1.54 10.60
CA LEU B 183 6.44 -1.46 11.42
C LEU B 183 5.30 -0.82 10.64
N TYR B 184 4.08 -1.28 10.91
CA TYR B 184 2.88 -0.71 10.29
C TYR B 184 2.42 0.51 11.07
N SER B 185 1.73 1.42 10.36
CA SER B 185 1.09 2.56 11.00
C SER B 185 -0.18 2.91 10.23
N LEU B 186 -1.20 3.38 10.97
CA LEU B 186 -2.42 3.88 10.34
C LEU B 186 -3.08 4.89 11.27
N SER B 187 -4.10 5.56 10.74
CA SER B 187 -4.86 6.55 11.50
C SER B 187 -6.33 6.42 11.17
N SER B 188 -7.18 6.74 12.16
CA SER B 188 -8.63 6.71 12.01
C SER B 188 -9.17 8.07 12.43
N VAL B 189 -9.92 8.71 11.55
CA VAL B 189 -10.39 10.06 11.79
C VAL B 189 -11.91 10.08 11.78
N VAL B 190 -12.47 11.03 12.53
CA VAL B 190 -13.91 11.29 12.55
C VAL B 190 -14.13 12.79 12.57
N THR B 191 -15.13 13.25 11.83
CA THR B 191 -15.52 14.65 11.86
C THR B 191 -16.69 14.83 12.82
N VAL B 192 -16.56 15.79 13.73
CA VAL B 192 -17.56 16.02 14.77
C VAL B 192 -17.91 17.50 14.78
N PRO B 193 -19.10 17.84 15.30
CA PRO B 193 -19.46 19.26 15.39
C PRO B 193 -18.49 20.03 16.27
N SER B 194 -18.21 21.26 15.88
CA SER B 194 -17.34 22.14 16.64
C SER B 194 -18.05 22.76 17.84
N SER B 195 -19.25 22.29 18.16
CA SER B 195 -19.98 22.70 19.35
C SER B 195 -20.05 21.62 20.41
N SER B 196 -20.06 20.35 20.01
CA SER B 196 -20.15 19.20 20.90
C SER B 196 -18.86 18.94 21.65
N LEU B 197 -17.89 19.86 21.60
CA LEU B 197 -16.62 19.66 22.28
C LEU B 197 -16.81 19.54 23.79
N GLY B 198 -17.55 20.48 24.38
CA GLY B 198 -17.62 20.55 25.83
C GLY B 198 -18.30 19.34 26.46
N THR B 199 -19.45 18.94 25.91
CA THR B 199 -20.25 17.90 26.54
C THR B 199 -19.68 16.51 26.28
N GLN B 200 -19.62 16.11 25.02
CA GLN B 200 -19.27 14.73 24.69
C GLN B 200 -17.82 14.43 25.03
N THR B 201 -17.59 13.24 25.58
CA THR B 201 -16.26 12.73 25.89
C THR B 201 -15.94 11.62 24.90
N TYR B 202 -14.89 11.80 24.11
CA TYR B 202 -14.54 10.89 23.04
C TYR B 202 -13.37 10.01 23.43
N ILE B 203 -13.48 8.71 23.12
CA ILE B 203 -12.43 7.73 23.42
C ILE B 203 -12.36 6.76 22.24
N CYS B 204 -11.14 6.51 21.76
CA CYS B 204 -10.91 5.62 20.63
C CYS B 204 -10.36 4.28 21.10
N ASN B 205 -10.91 3.20 20.56
CA ASN B 205 -10.59 1.85 21.00
C ASN B 205 -9.77 1.15 19.91
N VAL B 206 -8.59 0.65 20.29
CA VAL B 206 -7.69 -0.04 19.39
C VAL B 206 -7.45 -1.44 19.93
N ASN B 207 -7.62 -2.44 19.07
CA ASN B 207 -7.36 -3.83 19.40
C ASN B 207 -6.34 -4.41 18.45
N HIS B 208 -5.37 -5.14 18.98
CA HIS B 208 -4.35 -5.84 18.18
C HIS B 208 -4.36 -7.30 18.63
N LYS B 209 -5.04 -8.15 17.85
CA LYS B 209 -5.21 -9.55 18.26
C LYS B 209 -3.90 -10.31 18.44
N PRO B 210 -2.89 -10.19 17.56
CA PRO B 210 -1.67 -10.99 17.74
C PRO B 210 -0.87 -10.66 19.00
N SER B 211 -0.53 -9.38 19.20
CA SER B 211 0.18 -8.99 20.42
C SER B 211 -0.71 -9.01 21.64
N ASN B 212 -2.02 -9.22 21.47
CA ASN B 212 -3.00 -9.25 22.55
C ASN B 212 -3.01 -7.93 23.30
N THR B 213 -3.32 -6.86 22.57
CA THR B 213 -3.36 -5.51 23.11
C THR B 213 -4.76 -4.93 22.90
N LYS B 214 -5.31 -4.32 23.94
CA LYS B 214 -6.62 -3.68 23.86
C LYS B 214 -6.56 -2.44 24.73
N VAL B 215 -6.44 -1.27 24.11
CA VAL B 215 -6.28 -0.01 24.82
C VAL B 215 -7.33 0.99 24.35
N ASP B 216 -7.67 1.93 25.23
CA ASP B 216 -8.55 3.05 24.93
C ASP B 216 -7.81 4.35 25.21
N LYS B 217 -7.85 5.27 24.26
CA LYS B 217 -7.19 6.56 24.38
C LYS B 217 -8.22 7.68 24.31
N LYS B 218 -8.14 8.63 25.24
CA LYS B 218 -9.02 9.78 25.27
C LYS B 218 -8.32 10.96 24.59
N VAL B 219 -9.02 11.62 23.67
CA VAL B 219 -8.47 12.70 22.87
C VAL B 219 -9.01 14.01 23.39
N GLU B 220 -8.10 14.95 23.70
CA GLU B 220 -8.49 16.26 24.23
C GLU B 220 -7.55 17.34 23.70
N PRO B 221 -8.08 18.36 23.02
CA PRO B 221 -7.23 19.47 22.60
C PRO B 221 -6.54 20.14 23.78
N LYS B 222 -5.27 20.46 23.58
CA LYS B 222 -4.44 21.06 24.62
C LYS B 222 -4.34 22.56 24.43
N GLU C 3 11.41 3.43 -23.21
CA GLU C 3 10.53 3.84 -22.11
C GLU C 3 9.14 4.19 -22.63
N LEU C 4 8.12 3.53 -22.09
CA LEU C 4 6.75 3.72 -22.54
C LEU C 4 6.06 4.78 -21.69
N THR C 5 5.47 5.77 -22.36
CA THR C 5 4.89 6.94 -21.72
C THR C 5 3.39 6.96 -21.93
N GLN C 6 2.64 7.02 -20.84
CA GLN C 6 1.19 7.18 -20.88
C GLN C 6 0.76 8.15 -19.77
N PRO C 7 -0.34 8.88 -19.98
CA PRO C 7 -0.74 9.88 -18.99
C PRO C 7 -1.13 9.23 -17.68
N PRO C 8 -0.94 9.92 -16.55
CA PRO C 8 -1.24 9.28 -15.25
C PRO C 8 -2.73 9.10 -14.98
N SER C 9 -3.60 9.95 -15.52
CA SER C 9 -5.01 9.88 -15.21
C SER C 9 -5.83 10.43 -16.36
N VAL C 10 -6.97 9.79 -16.61
CA VAL C 10 -7.95 10.25 -17.61
C VAL C 10 -9.34 10.12 -17.00
N SER C 11 -10.14 11.18 -17.11
CA SER C 11 -11.47 11.23 -16.50
C SER C 11 -12.52 11.36 -17.58
N VAL C 12 -13.65 10.66 -17.39
CA VAL C 12 -14.78 10.68 -18.31
C VAL C 12 -16.07 10.75 -17.49
N SER C 13 -17.19 10.78 -18.21
CA SER C 13 -18.55 10.62 -17.69
C SER C 13 -19.20 9.52 -18.50
N PRO C 14 -20.22 8.85 -17.96
CA PRO C 14 -20.78 7.68 -18.65
C PRO C 14 -21.28 8.00 -20.06
N GLY C 15 -21.03 7.07 -20.98
CA GLY C 15 -21.64 7.07 -22.29
C GLY C 15 -20.78 7.57 -23.43
N GLN C 16 -19.69 8.27 -23.15
CA GLN C 16 -18.91 8.89 -24.21
C GLN C 16 -17.71 8.01 -24.59
N THR C 17 -16.86 8.53 -25.46
CA THR C 17 -15.68 7.83 -25.96
C THR C 17 -14.46 8.25 -25.18
N ALA C 18 -13.70 7.27 -24.70
CA ALA C 18 -12.51 7.50 -23.90
C ALA C 18 -11.28 7.00 -24.64
N ARG C 19 -10.21 7.78 -24.62
CA ARG C 19 -8.97 7.43 -25.30
C ARG C 19 -7.80 7.55 -24.34
N ILE C 20 -6.93 6.53 -24.34
CA ILE C 20 -5.68 6.55 -23.59
C ILE C 20 -4.54 6.30 -24.57
N THR C 21 -3.53 7.16 -24.54
CA THR C 21 -2.44 7.15 -25.51
C THR C 21 -1.14 6.75 -24.86
N CYS C 22 -0.46 5.77 -25.44
CA CYS C 22 0.83 5.29 -24.95
C CYS C 22 1.89 5.56 -26.00
N SER C 23 3.00 6.15 -25.59
CA SER C 23 4.07 6.58 -26.49
C SER C 23 5.35 5.81 -26.19
N GLY C 24 6.17 5.64 -27.22
CA GLY C 24 7.43 4.93 -27.11
C GLY C 24 8.13 4.78 -28.45
N ASP C 25 9.46 4.75 -28.44
CA ASP C 25 10.21 4.78 -29.69
C ASP C 25 10.17 3.42 -30.40
N THR C 26 10.25 2.31 -29.65
CA THR C 26 10.34 0.97 -30.19
C THR C 26 8.98 0.47 -30.75
N LEU C 27 7.94 1.28 -30.62
CA LEU C 27 6.59 0.85 -30.98
C LEU C 27 6.43 0.35 -32.42
N PRO C 28 6.95 1.02 -33.46
CA PRO C 28 6.64 0.56 -34.83
C PRO C 28 7.23 -0.81 -35.15
N LYS C 29 8.51 -1.03 -34.86
CA LYS C 29 9.16 -2.30 -35.15
C LYS C 29 8.65 -3.43 -34.28
N ARG C 30 7.86 -3.14 -33.25
CA ARG C 30 7.31 -4.12 -32.34
C ARG C 30 5.78 -3.97 -32.30
N SER C 31 5.16 -4.65 -31.34
CA SER C 31 3.73 -4.62 -31.17
C SER C 31 3.39 -4.20 -29.76
N GLY C 32 2.33 -3.40 -29.62
CA GLY C 32 1.85 -2.99 -28.32
C GLY C 32 0.71 -3.86 -27.82
N TYR C 33 0.55 -3.88 -26.49
CA TYR C 33 -0.49 -4.67 -25.85
C TYR C 33 -1.05 -3.88 -24.68
N TRP C 34 -2.34 -4.08 -24.41
CA TRP C 34 -3.03 -3.32 -23.39
C TRP C 34 -3.63 -4.25 -22.35
N TYR C 35 -3.47 -3.91 -21.07
CA TYR C 35 -4.03 -4.67 -19.96
C TYR C 35 -4.92 -3.76 -19.11
N GLN C 36 -6.03 -4.29 -18.63
CA GLN C 36 -6.88 -3.63 -17.66
C GLN C 36 -6.72 -4.31 -16.31
N GLN C 37 -6.59 -3.52 -15.24
CA GLN C 37 -6.47 -4.06 -13.90
C GLN C 37 -7.58 -3.47 -13.03
N LYS C 38 -8.58 -4.30 -12.73
CA LYS C 38 -9.50 -3.97 -11.65
C LYS C 38 -8.74 -3.96 -10.32
N PRO C 39 -9.16 -3.14 -9.37
CA PRO C 39 -8.41 -3.04 -8.11
C PRO C 39 -8.41 -4.34 -7.34
N ASP C 40 -7.29 -4.63 -6.68
CA ASP C 40 -7.10 -5.84 -5.87
C ASP C 40 -7.23 -7.13 -6.67
N GLN C 41 -7.08 -7.06 -7.99
CA GLN C 41 -7.19 -8.22 -8.86
C GLN C 41 -5.97 -8.27 -9.78
N ALA C 42 -5.79 -9.41 -10.44
CA ALA C 42 -4.72 -9.54 -11.41
C ALA C 42 -5.04 -8.73 -12.66
N PRO C 43 -4.02 -8.24 -13.36
CA PRO C 43 -4.27 -7.54 -14.63
C PRO C 43 -4.95 -8.46 -15.63
N LEU C 44 -5.80 -7.86 -16.46
CA LEU C 44 -6.56 -8.55 -17.48
C LEU C 44 -6.19 -7.98 -18.84
N LEU C 45 -5.71 -8.83 -19.73
CA LEU C 45 -5.38 -8.40 -21.09
C LEU C 45 -6.67 -8.07 -21.85
N VAL C 46 -6.72 -6.89 -22.47
CA VAL C 46 -7.92 -6.42 -23.14
C VAL C 46 -7.71 -6.03 -24.60
N ILE C 47 -6.47 -5.88 -25.07
CA ILE C 47 -6.17 -5.53 -26.45
C ILE C 47 -4.90 -6.26 -26.88
N ASN C 48 -4.94 -6.93 -28.02
CA ASN C 48 -3.84 -7.76 -28.51
C ASN C 48 -3.33 -7.19 -29.83
N LYS C 49 -2.02 -7.34 -30.05
CA LYS C 49 -1.32 -6.98 -31.30
C LYS C 49 -1.82 -5.65 -31.87
N ASP C 50 -1.87 -4.64 -31.00
CA ASP C 50 -2.12 -3.24 -31.32
C ASP C 50 -3.56 -2.96 -31.79
N THR C 51 -4.31 -4.00 -32.17
CA THR C 51 -5.72 -3.82 -32.57
C THR C 51 -6.65 -4.94 -32.14
N GLU C 52 -6.16 -6.16 -31.91
CA GLU C 52 -7.04 -7.32 -31.82
C GLU C 52 -7.68 -7.41 -30.45
N ARG C 53 -9.00 -7.56 -30.43
CA ARG C 53 -9.73 -7.69 -29.18
C ARG C 53 -9.75 -9.15 -28.74
N PRO C 54 -9.34 -9.45 -27.50
CA PRO C 54 -9.45 -10.83 -27.00
C PRO C 54 -10.89 -11.26 -26.85
N SER C 55 -11.07 -12.57 -26.72
CA SER C 55 -12.39 -13.18 -26.62
C SER C 55 -12.91 -13.01 -25.19
N GLY C 56 -13.91 -12.16 -25.01
CA GLY C 56 -14.54 -11.97 -23.72
C GLY C 56 -14.72 -10.52 -23.33
N ILE C 57 -14.04 -9.62 -24.02
CA ILE C 57 -14.08 -8.20 -23.71
C ILE C 57 -15.20 -7.56 -24.52
N PRO C 58 -15.95 -6.60 -23.96
CA PRO C 58 -17.05 -5.97 -24.70
C PRO C 58 -16.59 -5.36 -26.02
N GLU C 59 -17.53 -5.31 -26.98
CA GLU C 59 -17.21 -4.86 -28.33
C GLU C 59 -16.71 -3.41 -28.36
N ARG C 60 -16.96 -2.65 -27.30
CA ARG C 60 -16.62 -1.23 -27.23
C ARG C 60 -15.14 -0.95 -26.98
N PHE C 61 -14.30 -1.97 -26.98
CA PHE C 61 -12.87 -1.81 -26.68
C PHE C 61 -12.08 -2.03 -27.97
N SER C 62 -11.59 -0.94 -28.55
CA SER C 62 -10.81 -0.99 -29.76
C SER C 62 -9.44 -0.36 -29.52
N GLY C 63 -8.49 -0.71 -30.39
CA GLY C 63 -7.17 -0.12 -30.34
C GLY C 63 -6.75 0.38 -31.70
N SER C 64 -5.71 1.23 -31.70
CA SER C 64 -5.19 1.78 -32.93
C SER C 64 -3.71 2.07 -32.77
N LYS C 65 -2.98 2.03 -33.88
CA LYS C 65 -1.55 2.29 -33.92
C LYS C 65 -1.22 3.26 -35.05
N SER C 66 -0.38 4.23 -34.75
CA SER C 66 0.00 5.29 -35.69
C SER C 66 1.51 5.50 -35.67
N GLY C 67 2.26 4.41 -35.78
CA GLY C 67 3.72 4.50 -35.79
C GLY C 67 4.30 4.32 -34.38
N THR C 68 4.76 5.42 -33.78
CA THR C 68 5.24 5.42 -32.40
C THR C 68 4.13 5.73 -31.41
N THR C 69 2.87 5.47 -31.77
CA THR C 69 1.73 5.78 -30.92
C THR C 69 0.72 4.65 -30.99
N VAL C 70 0.30 4.14 -29.83
CA VAL C 70 -0.87 3.27 -29.73
C VAL C 70 -1.92 3.98 -28.89
N THR C 71 -3.18 3.63 -29.13
CA THR C 71 -4.30 4.28 -28.45
C THR C 71 -5.38 3.26 -28.17
N LEU C 72 -5.83 3.20 -26.93
CA LEU C 72 -6.95 2.36 -26.52
C LEU C 72 -8.21 3.23 -26.46
N THR C 73 -9.25 2.80 -27.17
CA THR C 73 -10.49 3.56 -27.28
C THR C 73 -11.63 2.75 -26.71
N ILE C 74 -12.46 3.40 -25.88
CA ILE C 74 -13.66 2.79 -25.29
C ILE C 74 -14.83 3.63 -25.74
N SER C 75 -15.60 3.13 -26.70
CA SER C 75 -16.75 3.85 -27.24
C SER C 75 -17.98 3.52 -26.41
N GLY C 76 -18.54 4.53 -25.75
CA GLY C 76 -19.67 4.29 -24.87
C GLY C 76 -19.22 3.71 -23.54
N VAL C 77 -18.45 4.49 -22.79
CA VAL C 77 -17.87 4.00 -21.54
C VAL C 77 -18.98 3.72 -20.52
N GLN C 78 -18.70 2.78 -19.61
CA GLN C 78 -19.62 2.40 -18.56
C GLN C 78 -18.89 2.37 -17.22
N ALA C 79 -19.66 2.34 -16.13
CA ALA C 79 -19.08 2.35 -14.80
C ALA C 79 -18.29 1.09 -14.49
N GLU C 80 -18.48 0.01 -15.25
CA GLU C 80 -17.76 -1.24 -15.09
C GLU C 80 -16.38 -1.22 -15.75
N ASP C 81 -15.88 -0.03 -16.10
CA ASP C 81 -14.57 0.10 -16.71
C ASP C 81 -13.67 1.09 -15.97
N GLU C 82 -14.12 1.63 -14.84
CA GLU C 82 -13.25 2.44 -13.99
C GLU C 82 -12.15 1.55 -13.42
N ALA C 83 -10.95 1.68 -13.94
CA ALA C 83 -9.86 0.77 -13.60
C ALA C 83 -8.53 1.44 -13.90
N ASP C 84 -7.46 0.66 -13.92
CA ASP C 84 -6.14 1.12 -14.32
C ASP C 84 -5.73 0.37 -15.59
N TYR C 85 -5.10 1.07 -16.51
CA TYR C 85 -4.76 0.52 -17.82
C TYR C 85 -3.26 0.65 -18.07
N TYR C 86 -2.62 -0.46 -18.43
CA TYR C 86 -1.19 -0.53 -18.67
C TYR C 86 -0.93 -0.91 -20.12
N CYS C 87 -0.11 -0.12 -20.81
CA CYS C 87 0.39 -0.55 -22.11
C CYS C 87 1.65 -1.39 -21.92
N GLN C 88 2.02 -2.12 -22.96
CA GLN C 88 3.15 -3.04 -22.86
C GLN C 88 3.72 -3.28 -24.25
N SER C 89 5.04 -3.39 -24.33
CA SER C 89 5.74 -3.58 -25.60
C SER C 89 7.08 -4.24 -25.31
N ALA C 90 8.01 -4.16 -26.25
CA ALA C 90 9.39 -4.54 -25.99
C ALA C 90 10.22 -3.30 -25.64
N ASP C 91 11.40 -3.55 -25.05
CA ASP C 91 12.28 -2.46 -24.64
C ASP C 91 13.14 -2.02 -25.83
N SER C 92 14.16 -1.20 -25.54
CA SER C 92 15.04 -0.71 -26.60
C SER C 92 15.84 -1.84 -27.25
N SER C 93 16.11 -2.91 -26.51
CA SER C 93 16.92 -4.02 -27.01
C SER C 93 16.10 -5.18 -27.56
N PHE C 94 14.77 -5.07 -27.59
CA PHE C 94 13.87 -6.08 -28.15
C PHE C 94 13.97 -7.43 -27.43
N THR C 95 14.48 -7.46 -26.20
CA THR C 95 14.69 -8.69 -25.47
C THR C 95 13.75 -8.88 -24.28
N TYR C 96 13.30 -7.80 -23.66
CA TYR C 96 12.53 -7.89 -22.43
C TYR C 96 11.22 -7.12 -22.56
N PRO C 97 10.13 -7.65 -22.00
CA PRO C 97 8.88 -6.90 -21.99
C PRO C 97 8.96 -5.68 -21.07
N SER C 98 8.25 -4.62 -21.48
CA SER C 98 8.25 -3.37 -20.73
C SER C 98 6.83 -2.84 -20.61
N PHE C 99 6.51 -2.26 -19.46
CA PHE C 99 5.21 -1.65 -19.21
C PHE C 99 5.35 -0.14 -19.13
N GLY C 100 4.21 0.53 -19.01
CA GLY C 100 4.17 1.96 -18.84
C GLY C 100 3.90 2.36 -17.39
N GLY C 101 3.81 3.67 -17.19
CA GLY C 101 3.51 4.17 -15.85
C GLY C 101 2.17 3.68 -15.35
N GLY C 102 1.19 3.60 -16.23
CA GLY C 102 -0.17 3.24 -15.86
C GLY C 102 -1.07 4.46 -15.83
N THR C 103 -2.32 4.24 -16.24
CA THR C 103 -3.33 5.30 -16.30
C THR C 103 -4.52 4.90 -15.44
N LYS C 104 -4.83 5.74 -14.44
CA LYS C 104 -6.02 5.55 -13.61
C LYS C 104 -7.21 6.16 -14.33
N LEU C 105 -8.05 5.32 -14.92
CA LEU C 105 -9.21 5.77 -15.69
C LEU C 105 -10.41 5.87 -14.76
N THR C 106 -10.84 7.09 -14.46
CA THR C 106 -12.04 7.31 -13.67
C THR C 106 -13.23 7.55 -14.59
N VAL C 107 -14.40 7.02 -14.21
CA VAL C 107 -15.56 6.95 -15.08
C VAL C 107 -16.76 7.67 -14.50
N LEU C 108 -17.15 7.32 -13.27
CA LEU C 108 -18.40 7.82 -12.71
C LEU C 108 -18.37 9.34 -12.58
N GLY C 109 -19.53 9.96 -12.82
CA GLY C 109 -19.60 11.40 -12.87
C GLY C 109 -20.47 12.02 -11.81
N GLN C 110 -20.47 11.45 -10.61
CA GLN C 110 -21.14 12.12 -9.49
C GLN C 110 -20.42 13.43 -9.22
N PRO C 111 -21.10 14.44 -8.66
CA PRO C 111 -20.58 15.81 -8.73
C PRO C 111 -19.16 15.93 -8.19
N LYS C 112 -18.31 16.60 -8.97
CA LYS C 112 -16.91 16.73 -8.61
C LYS C 112 -16.77 17.41 -7.26
N ALA C 113 -15.92 16.85 -6.40
CA ALA C 113 -15.80 17.28 -5.03
C ALA C 113 -14.40 17.83 -4.78
N ALA C 114 -14.33 19.00 -4.16
CA ALA C 114 -13.06 19.60 -3.76
C ALA C 114 -12.57 18.97 -2.46
N PRO C 115 -11.33 18.48 -2.42
CA PRO C 115 -10.83 17.83 -1.20
C PRO C 115 -10.75 18.79 -0.01
N SER C 116 -10.98 18.23 1.18
CA SER C 116 -10.84 18.94 2.45
C SER C 116 -9.64 18.40 3.19
N VAL C 117 -8.77 19.30 3.67
CA VAL C 117 -7.44 18.95 4.17
C VAL C 117 -7.32 19.39 5.62
N THR C 118 -6.74 18.53 6.45
CA THR C 118 -6.45 18.83 7.85
C THR C 118 -5.01 18.42 8.15
N LEU C 119 -4.23 19.33 8.71
CA LEU C 119 -2.85 19.09 9.09
C LEU C 119 -2.75 18.99 10.61
N PHE C 120 -2.16 17.89 11.09
CA PHE C 120 -2.09 17.66 12.52
C PHE C 120 -0.66 17.78 13.03
N PRO C 121 -0.46 18.41 14.18
CA PRO C 121 0.87 18.50 14.76
C PRO C 121 1.24 17.20 15.45
N PRO C 122 2.53 16.98 15.73
CA PRO C 122 2.90 15.83 16.56
C PRO C 122 2.31 15.98 17.95
N SER C 123 1.87 14.86 18.52
CA SER C 123 1.27 14.89 19.84
C SER C 123 2.33 15.11 20.91
N SER C 124 1.89 15.64 22.05
CA SER C 124 2.79 15.85 23.18
C SER C 124 3.35 14.51 23.67
N GLU C 125 2.52 13.48 23.68
CA GLU C 125 2.97 12.15 24.11
C GLU C 125 4.06 11.62 23.19
N GLU C 126 3.92 11.84 21.88
CA GLU C 126 4.95 11.38 20.94
C GLU C 126 6.25 12.15 21.11
N LEU C 127 6.15 13.46 21.35
CA LEU C 127 7.34 14.30 21.39
C LEU C 127 8.21 14.01 22.60
N GLN C 128 7.61 13.60 23.73
CA GLN C 128 8.43 13.21 24.87
C GLN C 128 9.13 11.87 24.64
N ALA C 129 8.81 11.17 23.56
CA ALA C 129 9.49 9.93 23.19
C ALA C 129 10.54 10.14 22.10
N ASN C 130 10.92 11.39 21.83
CA ASN C 130 11.94 11.74 20.84
C ASN C 130 11.54 11.30 19.44
N LYS C 131 10.30 11.61 19.05
CA LYS C 131 9.77 11.29 17.74
C LYS C 131 8.84 12.40 17.28
N ALA C 132 8.80 12.63 15.97
CA ALA C 132 7.89 13.60 15.38
C ALA C 132 7.27 13.01 14.12
N THR C 133 5.96 13.15 13.99
CA THR C 133 5.24 12.62 12.84
C THR C 133 4.08 13.53 12.52
N LEU C 134 4.12 14.16 11.35
CA LEU C 134 3.04 15.03 10.89
C LEU C 134 2.03 14.24 10.08
N VAL C 135 0.76 14.53 10.30
CA VAL C 135 -0.33 13.80 9.66
C VAL C 135 -1.11 14.75 8.77
N CYS C 136 -1.14 14.45 7.47
CA CYS C 136 -1.95 15.16 6.49
C CYS C 136 -3.11 14.27 6.10
N LEU C 137 -4.33 14.77 6.26
CA LEU C 137 -5.54 13.98 6.00
C LEU C 137 -6.38 14.67 4.95
N ILE C 138 -6.62 13.98 3.84
CA ILE C 138 -7.40 14.48 2.72
C ILE C 138 -8.66 13.64 2.63
N SER C 139 -9.82 14.30 2.56
CA SER C 139 -11.09 13.58 2.58
C SER C 139 -12.10 14.29 1.69
N ASP C 140 -13.11 13.52 1.26
CA ASP C 140 -14.29 14.04 0.55
C ASP C 140 -13.90 14.71 -0.77
N PHE C 141 -13.29 13.92 -1.65
CA PHE C 141 -12.95 14.37 -2.99
C PHE C 141 -13.24 13.28 -4.00
N TYR C 142 -13.46 13.71 -5.24
CA TYR C 142 -13.57 12.78 -6.36
C TYR C 142 -12.74 13.35 -7.49
N ALA C 145 -7.86 10.20 -7.63
CA ALA C 145 -6.49 10.53 -7.99
C ALA C 145 -6.09 11.90 -7.47
N VAL C 146 -5.07 11.91 -6.60
CA VAL C 146 -4.62 13.14 -5.93
C VAL C 146 -3.11 13.02 -5.68
N THR C 147 -2.41 14.13 -5.82
CA THR C 147 -0.99 14.19 -5.51
C THR C 147 -0.76 15.04 -4.26
N VAL C 148 0.30 14.71 -3.52
CA VAL C 148 0.63 15.37 -2.27
C VAL C 148 2.09 15.78 -2.28
N ALA C 149 2.40 16.86 -1.56
CA ALA C 149 3.76 17.38 -1.47
C ALA C 149 3.96 18.03 -0.11
N TRP C 150 5.22 18.01 0.35
CA TRP C 150 5.59 18.60 1.62
C TRP C 150 6.66 19.66 1.40
N LYS C 151 6.59 20.73 2.20
CA LYS C 151 7.56 21.81 2.12
C LYS C 151 7.97 22.22 3.53
N ALA C 152 9.27 22.29 3.77
CA ALA C 152 9.81 22.86 5.00
C ALA C 152 10.12 24.32 4.73
N ASP C 153 9.41 25.23 5.41
CA ASP C 153 9.49 26.66 5.14
C ASP C 153 9.17 26.93 3.68
N SER C 154 10.21 27.03 2.84
CA SER C 154 10.07 27.32 1.43
C SER C 154 10.94 26.40 0.59
N SER C 155 11.05 25.14 0.99
CA SER C 155 11.87 24.18 0.28
C SER C 155 11.19 22.82 0.32
N PRO C 156 11.20 22.07 -0.78
CA PRO C 156 10.50 20.78 -0.82
C PRO C 156 11.27 19.70 -0.05
N VAL C 157 10.54 18.95 0.77
CA VAL C 157 11.09 17.82 1.51
C VAL C 157 10.74 16.53 0.77
N LYS C 158 11.74 15.72 0.47
CA LYS C 158 11.51 14.46 -0.22
C LYS C 158 12.09 13.29 0.58
N ALA C 159 12.16 13.44 1.90
CA ALA C 159 12.70 12.41 2.79
C ALA C 159 11.81 12.27 4.01
N GLY C 160 11.55 11.02 4.40
CA GLY C 160 10.64 10.75 5.49
C GLY C 160 9.18 10.87 5.14
N VAL C 161 8.82 10.73 3.86
CA VAL C 161 7.47 10.94 3.38
C VAL C 161 6.82 9.58 3.12
N GLU C 162 5.60 9.41 3.61
CA GLU C 162 4.78 8.23 3.33
C GLU C 162 3.43 8.68 2.80
N THR C 163 2.97 8.03 1.73
CA THR C 163 1.68 8.35 1.13
C THR C 163 0.84 7.08 1.00
N THR C 164 -0.46 7.22 1.28
CA THR C 164 -1.42 6.14 1.10
C THR C 164 -2.28 6.41 -0.13
N THR C 165 -2.58 5.36 -0.89
CA THR C 165 -3.43 5.49 -2.05
C THR C 165 -4.87 5.78 -1.64
N PRO C 166 -5.63 6.51 -2.47
CA PRO C 166 -6.98 6.92 -2.06
C PRO C 166 -7.89 5.72 -1.80
N SER C 167 -8.79 5.90 -0.83
CA SER C 167 -9.74 4.87 -0.43
C SER C 167 -11.14 5.48 -0.30
N LYS C 168 -12.15 4.75 -0.78
CA LYS C 168 -13.51 5.24 -0.72
C LYS C 168 -14.01 5.29 0.72
N GLN C 169 -14.80 6.32 1.04
CA GLN C 169 -15.37 6.48 2.37
C GLN C 169 -16.75 5.85 2.43
N SER C 170 -17.42 6.01 3.58
CA SER C 170 -18.79 5.54 3.71
C SER C 170 -19.72 6.32 2.79
N ASN C 171 -19.47 7.62 2.62
CA ASN C 171 -20.31 8.48 1.78
C ASN C 171 -19.85 8.50 0.33
N ASN C 172 -19.18 7.44 -0.13
CA ASN C 172 -18.77 7.21 -1.51
C ASN C 172 -17.69 8.16 -1.99
N LYS C 173 -17.25 9.11 -1.18
CA LYS C 173 -16.16 10.00 -1.56
C LYS C 173 -14.81 9.39 -1.22
N TYR C 174 -13.78 9.83 -1.93
CA TYR C 174 -12.44 9.31 -1.73
C TYR C 174 -11.74 10.03 -0.58
N ALA C 175 -10.71 9.38 -0.03
CA ALA C 175 -9.91 9.97 1.05
C ALA C 175 -8.52 9.34 1.03
N ALA C 176 -7.54 10.14 1.45
CA ALA C 176 -6.14 9.71 1.43
C ALA C 176 -5.40 10.41 2.57
N SER C 177 -4.22 9.88 2.90
CA SER C 177 -3.42 10.40 4.00
C SER C 177 -1.93 10.36 3.63
N SER C 178 -1.17 11.24 4.29
CA SER C 178 0.28 11.28 4.15
C SER C 178 0.91 11.56 5.51
N TYR C 179 2.11 11.01 5.71
CA TYR C 179 2.86 11.16 6.95
C TYR C 179 4.25 11.69 6.63
N LEU C 180 4.75 12.55 7.53
CA LEU C 180 6.11 13.07 7.43
C LEU C 180 6.82 12.76 8.74
N SER C 181 7.82 11.88 8.68
CA SER C 181 8.55 11.46 9.86
C SER C 181 9.79 12.32 10.03
N LEU C 182 9.96 12.87 11.22
CA LEU C 182 11.10 13.73 11.52
C LEU C 182 11.62 13.41 12.91
N THR C 183 12.89 13.75 13.12
CA THR C 183 13.36 13.89 14.48
C THR C 183 12.84 15.19 15.07
N PRO C 184 12.66 15.26 16.39
CA PRO C 184 12.16 16.51 17.00
C PRO C 184 13.07 17.71 16.75
N GLU C 185 14.36 17.48 16.48
CA GLU C 185 15.28 18.58 16.20
C GLU C 185 14.91 19.29 14.91
N GLN C 186 14.54 18.53 13.88
CA GLN C 186 14.10 19.14 12.62
C GLN C 186 12.76 19.84 12.78
N TRP C 187 11.92 19.36 13.71
CA TRP C 187 10.61 19.99 13.93
C TRP C 187 10.76 21.39 14.51
N LYS C 188 11.71 21.59 15.42
CA LYS C 188 11.94 22.88 16.05
C LYS C 188 12.93 23.75 15.29
N SER C 189 13.66 23.20 14.32
CA SER C 189 14.67 23.94 13.58
C SER C 189 14.10 24.65 12.36
N HIS C 190 12.80 24.52 12.09
CA HIS C 190 12.18 25.14 10.94
C HIS C 190 11.00 26.00 11.39
N ARG C 191 10.79 27.10 10.67
CA ARG C 191 9.73 28.03 11.04
C ARG C 191 8.34 27.39 10.94
N SER C 192 8.11 26.61 9.88
CA SER C 192 6.79 26.03 9.64
C SER C 192 6.95 24.77 8.80
N TYR C 193 5.81 24.14 8.50
CA TYR C 193 5.75 22.96 7.65
C TYR C 193 4.41 22.96 6.94
N SER C 194 4.43 22.63 5.64
CA SER C 194 3.25 22.81 4.79
C SER C 194 2.93 21.53 4.04
N CYS C 195 1.63 21.22 3.93
CA CYS C 195 1.12 20.14 3.10
C CYS C 195 0.48 20.74 1.86
N GLN C 196 0.87 20.25 0.69
CA GLN C 196 0.43 20.81 -0.59
C GLN C 196 -0.25 19.69 -1.38
N VAL C 197 -1.55 19.85 -1.63
CA VAL C 197 -2.37 18.83 -2.25
C VAL C 197 -2.88 19.35 -3.58
N THR C 198 -2.54 18.64 -4.66
CA THR C 198 -2.98 18.99 -6.01
C THR C 198 -4.07 18.02 -6.44
N HIS C 199 -5.25 18.56 -6.76
CA HIS C 199 -6.41 17.78 -7.15
C HIS C 199 -6.97 18.37 -8.43
N GLU C 200 -6.78 17.67 -9.55
CA GLU C 200 -7.30 18.07 -10.86
C GLU C 200 -6.85 19.49 -11.22
N GLY C 201 -5.58 19.79 -10.97
CA GLY C 201 -5.06 21.10 -11.26
C GLY C 201 -5.47 22.18 -10.29
N SER C 202 -6.08 21.82 -9.17
CA SER C 202 -6.46 22.76 -8.13
C SER C 202 -5.74 22.37 -6.84
N THR C 203 -5.05 23.33 -6.23
CA THR C 203 -4.11 23.05 -5.14
C THR C 203 -4.54 23.77 -3.88
N VAL C 204 -4.54 23.03 -2.76
CA VAL C 204 -4.89 23.56 -1.44
C VAL C 204 -3.78 23.23 -0.46
N GLU C 205 -3.42 24.20 0.38
CA GLU C 205 -2.29 24.09 1.28
C GLU C 205 -2.74 24.26 2.73
N LYS C 206 -1.99 23.63 3.64
CA LYS C 206 -2.15 23.82 5.06
C LYS C 206 -0.77 23.93 5.68
N THR C 207 -0.67 24.69 6.78
CA THR C 207 0.62 24.93 7.42
C THR C 207 0.50 24.74 8.93
N VAL C 208 1.60 24.28 9.55
CA VAL C 208 1.70 24.13 10.99
C VAL C 208 3.06 24.64 11.44
N ALA C 209 3.15 24.98 12.73
CA ALA C 209 4.39 25.45 13.34
C ALA C 209 4.45 24.94 14.76
N PRO C 210 5.65 24.79 15.34
CA PRO C 210 5.74 24.32 16.73
C PRO C 210 5.08 25.28 17.71
N THR C 211 4.50 24.72 18.76
CA THR C 211 3.87 25.52 19.81
C THR C 211 4.84 25.76 20.95
#